data_6HOS
#
_entry.id   6HOS
#
_cell.length_a   79.943
_cell.length_b   103.186
_cell.length_c   72.099
_cell.angle_alpha   90.00
_cell.angle_beta   113.51
_cell.angle_gamma   90.00
#
_symmetry.space_group_name_H-M   'C 1 2 1'
#
loop_
_entity.id
_entity.type
_entity.pdbx_description
1 polymer BA75_04148T0
2 polymer 'Expression tag from chain B, or symmetry related chain'
3 non-polymer 'CALCIUM ION'
4 non-polymer GLYCEROL
5 non-polymer 3,6,9,12,15,18-HEXAOXAICOSANE-1,20-DIOL
6 non-polymer 'MAGNESIUM ION'
7 non-polymer 'TETRAETHYLENE GLYCOL'
8 water water
#
loop_
_entity_poly.entity_id
_entity_poly.type
_entity_poly.pdbx_seq_one_letter_code
_entity_poly.pdbx_strand_id
1 'polypeptide(L)'
;MGSSHHHHHHSSGLVPRGSHMQESGDGDISDSAYACDIDATRYDGFNATIYEFQPGDGRLTRDPVFMSTGYLNRTQLHSI
TGVTDPGFSIYTPGVPTTTLYGIPNVNWENLLLELKGYFRAEVSGDYGLSLRNIDDSAILFFGKETAFQCCNENSISNEA
STDYSLFTIFRQEGDETTNLDSFTYTQYLEAGKYYPVRTFFVNIERHAVFNFTMTLPDGTELTDFHNYIYQFGALDEEQC
QA
;
A,B
2 'polypeptide(L)' MGSSHHHHHHS C
#
loop_
_chem_comp.id
_chem_comp.type
_chem_comp.name
_chem_comp.formula
CA non-polymer 'CALCIUM ION' 'Ca 2'
GOL non-polymer GLYCEROL 'C3 H8 O3'
MG non-polymer 'MAGNESIUM ION' 'Mg 2'
P33 non-polymer 3,6,9,12,15,18-HEXAOXAICOSANE-1,20-DIOL 'C14 H30 O8'
PG4 non-polymer 'TETRAETHYLENE GLYCOL' 'C8 H18 O5'
#
# COMPACT_ATOMS: atom_id res chain seq x y z
N SER A 30 22.28 -15.57 0.17
CA SER A 30 21.62 -16.80 -0.27
C SER A 30 20.16 -16.79 0.15
N ASP A 31 19.91 -16.91 1.44
CA ASP A 31 18.56 -16.86 2.00
C ASP A 31 18.15 -15.46 2.40
N SER A 32 18.90 -14.43 2.00
CA SER A 32 18.55 -13.06 2.36
C SER A 32 17.30 -12.60 1.62
N ALA A 33 17.15 -13.02 0.36
CA ALA A 33 16.00 -12.74 -0.49
C ALA A 33 15.86 -11.25 -0.82
N TYR A 34 16.65 -10.39 -0.19
CA TYR A 34 16.60 -8.96 -0.45
C TYR A 34 17.97 -8.34 -0.64
N ALA A 35 18.96 -8.76 0.14
CA ALA A 35 20.22 -8.05 0.28
C ALA A 35 21.30 -8.62 -0.62
N CYS A 36 22.24 -7.75 -1.00
CA CYS A 36 23.45 -8.14 -1.71
C CYS A 36 24.66 -7.91 -0.80
N ASP A 37 25.68 -8.73 -0.99
CA ASP A 37 26.98 -8.51 -0.35
C ASP A 37 27.97 -8.13 -1.45
N ILE A 38 28.48 -6.90 -1.39
CA ILE A 38 29.27 -6.33 -2.46
C ILE A 38 30.55 -5.75 -1.87
N ASP A 39 31.70 -6.19 -2.39
CA ASP A 39 33.01 -5.72 -1.96
C ASP A 39 33.66 -5.03 -3.17
N ALA A 40 33.40 -3.74 -3.32
CA ALA A 40 33.89 -3.01 -4.49
C ALA A 40 33.88 -1.52 -4.19
N THR A 41 34.62 -0.78 -5.01
CA THR A 41 34.60 0.67 -4.94
C THR A 41 33.19 1.20 -5.21
N ARG A 42 32.70 2.04 -4.32
CA ARG A 42 31.34 2.58 -4.44
C ARG A 42 31.36 4.07 -4.74
N TYR A 43 30.27 4.54 -5.33
CA TYR A 43 30.10 5.92 -5.73
C TYR A 43 28.75 6.41 -5.23
N ASP A 44 28.70 7.69 -4.86
CA ASP A 44 27.47 8.25 -4.30
C ASP A 44 26.40 8.42 -5.38
N GLY A 45 25.16 8.17 -5.02
CA GLY A 45 24.03 8.68 -5.76
C GLY A 45 23.23 7.59 -6.45
N PHE A 46 22.01 7.97 -6.83
CA PHE A 46 21.17 7.20 -7.74
C PHE A 46 21.66 7.36 -9.18
N ASN A 47 21.31 6.38 -10.00
CA ASN A 47 21.31 6.54 -11.45
CA ASN A 47 21.32 6.54 -11.45
C ASN A 47 19.92 6.99 -11.88
N ALA A 48 19.85 8.11 -12.60
CA ALA A 48 18.59 8.66 -13.09
C ALA A 48 18.54 8.52 -14.60
N THR A 49 17.40 8.04 -15.11
CA THR A 49 17.21 7.83 -16.55
C THR A 49 15.85 8.38 -16.95
N ILE A 50 15.82 9.22 -17.98
CA ILE A 50 14.58 9.79 -18.50
C ILE A 50 14.20 9.07 -19.78
N TYR A 51 12.96 8.60 -19.85
CA TYR A 51 12.47 7.85 -20.99
C TYR A 51 11.49 8.71 -21.79
N GLU A 52 11.33 8.32 -23.06
CA GLU A 52 10.53 9.10 -23.99
C GLU A 52 9.04 8.95 -23.67
N PHE A 53 8.42 10.06 -23.29
CA PHE A 53 6.98 10.10 -23.09
C PHE A 53 6.26 10.02 -24.42
N GLN A 54 5.18 9.24 -24.47
CA GLN A 54 4.37 9.18 -25.67
C GLN A 54 2.93 9.56 -25.36
N PRO A 55 2.22 10.17 -26.32
CA PRO A 55 0.81 10.52 -26.07
C PRO A 55 0.01 9.30 -25.63
N GLY A 56 -0.79 9.50 -24.58
CA GLY A 56 -1.57 8.42 -24.00
C GLY A 56 -0.94 7.72 -22.82
N ASP A 57 0.30 8.06 -22.46
CA ASP A 57 0.95 7.42 -21.32
C ASP A 57 0.23 7.69 -20.01
N GLY A 58 -0.61 8.73 -19.96
CA GLY A 58 -1.42 8.96 -18.78
C GLY A 58 -2.31 7.78 -18.44
N ARG A 59 -2.78 7.07 -19.47
CA ARG A 59 -3.60 5.89 -19.23
C ARG A 59 -2.78 4.71 -18.73
N LEU A 60 -1.47 4.71 -18.97
CA LEU A 60 -0.61 3.60 -18.57
C LEU A 60 -0.15 3.71 -17.12
N THR A 61 -0.36 4.86 -16.46
CA THR A 61 0.01 4.97 -15.05
C THR A 61 -0.77 3.98 -14.19
N ARG A 62 -1.88 3.45 -14.69
CA ARG A 62 -2.63 2.41 -14.00
C ARG A 62 -2.31 1.02 -14.50
N ASP A 63 -1.41 0.90 -15.48
CA ASP A 63 -1.14 -0.38 -16.11
C ASP A 63 -0.03 -1.09 -15.37
N PRO A 64 -0.27 -2.26 -14.79
CA PRO A 64 0.77 -2.94 -14.01
C PRO A 64 1.96 -3.40 -14.85
N VAL A 65 1.76 -3.66 -16.14
CA VAL A 65 2.88 -4.03 -16.99
C VAL A 65 3.77 -2.82 -17.25
N PHE A 66 3.18 -1.71 -17.67
CA PHE A 66 3.97 -0.53 -18.02
C PHE A 66 4.74 0.01 -16.83
N MET A 67 4.09 0.08 -15.67
CA MET A 67 4.71 0.68 -14.49
C MET A 67 5.74 -0.23 -13.83
N SER A 68 5.80 -1.52 -14.17
CA SER A 68 6.81 -2.39 -13.59
C SER A 68 8.02 -2.53 -14.52
N THR A 69 7.81 -2.96 -15.78
CA THR A 69 8.92 -3.06 -16.73
C THR A 69 8.60 -2.53 -18.11
N GLY A 70 7.34 -2.26 -18.43
CA GLY A 70 6.99 -1.86 -19.80
C GLY A 70 7.68 -0.58 -20.24
N TYR A 71 7.89 0.36 -19.32
CA TYR A 71 8.52 1.63 -19.68
C TYR A 71 9.95 1.43 -20.19
N LEU A 72 10.59 0.32 -19.83
CA LEU A 72 11.94 0.07 -20.32
C LEU A 72 11.99 -0.14 -21.83
N ASN A 73 10.84 -0.28 -22.49
CA ASN A 73 10.83 -0.35 -23.95
C ASN A 73 10.90 1.02 -24.61
N ARG A 74 10.77 2.09 -23.84
CA ARG A 74 10.83 3.44 -24.39
C ARG A 74 12.28 3.85 -24.64
N THR A 75 12.46 4.76 -25.60
CA THR A 75 13.77 5.30 -25.86
C THR A 75 14.32 6.01 -24.64
N GLN A 76 15.58 5.72 -24.29
CA GLN A 76 16.25 6.45 -23.23
C GLN A 76 16.71 7.80 -23.78
N LEU A 77 16.18 8.89 -23.23
CA LEU A 77 16.57 10.21 -23.67
C LEU A 77 17.79 10.74 -22.94
N HIS A 78 17.89 10.48 -21.64
CA HIS A 78 18.99 10.99 -20.83
C HIS A 78 19.31 10.01 -19.73
N SER A 79 20.58 9.98 -19.33
CA SER A 79 21.07 9.16 -18.24
C SER A 79 22.15 9.93 -17.50
N ILE A 80 22.05 9.99 -16.17
CA ILE A 80 23.09 10.58 -15.33
C ILE A 80 23.20 9.79 -14.04
N THR A 81 24.26 10.07 -13.28
CA THR A 81 24.51 9.40 -12.01
C THR A 81 24.97 10.43 -10.98
N GLY A 82 24.98 10.03 -9.72
CA GLY A 82 25.41 10.89 -8.65
C GLY A 82 24.32 11.68 -7.97
N VAL A 83 23.05 11.38 -8.23
CA VAL A 83 21.93 12.06 -7.60
C VAL A 83 21.77 11.52 -6.18
N THR A 84 22.02 12.36 -5.18
CA THR A 84 21.73 11.96 -3.80
C THR A 84 20.46 12.60 -3.24
N ASP A 85 20.01 13.74 -3.80
CA ASP A 85 18.77 14.39 -3.38
C ASP A 85 17.82 14.41 -4.57
N PRO A 86 16.95 13.41 -4.71
CA PRO A 86 16.14 13.27 -5.91
C PRO A 86 14.82 14.02 -5.92
N GLY A 87 14.37 14.56 -4.79
CA GLY A 87 13.02 15.13 -4.74
C GLY A 87 12.94 16.45 -5.48
N PHE A 88 11.81 16.66 -6.17
CA PHE A 88 11.57 17.94 -6.83
C PHE A 88 10.08 18.21 -6.88
N SER A 89 9.74 19.49 -7.01
CA SER A 89 8.38 19.95 -7.20
C SER A 89 8.42 21.11 -8.19
N ILE A 90 7.75 20.95 -9.33
CA ILE A 90 7.87 21.87 -10.46
C ILE A 90 6.49 22.28 -10.94
N TYR A 91 6.29 23.59 -11.12
CA TYR A 91 5.16 24.10 -11.88
C TYR A 91 5.50 25.53 -12.31
N THR A 92 5.84 25.70 -13.58
CA THR A 92 6.21 27.01 -14.13
C THR A 92 5.49 27.19 -15.45
N PRO A 93 4.22 27.60 -15.41
CA PRO A 93 3.46 27.78 -16.66
C PRO A 93 4.10 28.87 -17.53
N GLY A 94 4.14 28.60 -18.83
CA GLY A 94 4.79 29.46 -19.78
C GLY A 94 6.14 28.96 -20.27
N VAL A 95 6.86 28.20 -19.44
CA VAL A 95 8.14 27.62 -19.81
C VAL A 95 8.06 26.11 -19.58
N PRO A 96 7.89 25.32 -20.64
CA PRO A 96 7.63 23.88 -20.48
C PRO A 96 8.84 23.04 -20.16
N THR A 97 10.05 23.60 -20.22
CA THR A 97 11.25 22.83 -19.94
C THR A 97 11.91 23.34 -18.67
N THR A 98 12.78 22.49 -18.11
CA THR A 98 13.53 22.80 -16.91
C THR A 98 14.86 22.07 -16.99
N THR A 99 15.75 22.39 -16.07
CA THR A 99 16.98 21.63 -15.87
C THR A 99 16.74 20.68 -14.70
N LEU A 100 16.79 19.39 -14.98
CA LEU A 100 16.53 18.36 -13.98
C LEU A 100 17.80 17.55 -13.74
N TYR A 101 18.28 17.56 -12.51
CA TYR A 101 19.47 16.81 -12.14
C TYR A 101 20.66 17.19 -13.02
N GLY A 102 20.75 18.47 -13.38
CA GLY A 102 21.79 18.94 -14.27
C GLY A 102 21.57 18.66 -15.75
N ILE A 103 20.46 18.02 -16.12
CA ILE A 103 20.13 17.75 -17.51
C ILE A 103 19.31 18.94 -18.03
N PRO A 104 19.78 19.67 -19.03
CA PRO A 104 19.02 20.84 -19.51
C PRO A 104 17.89 20.47 -20.46
N ASN A 105 16.91 21.37 -20.55
CA ASN A 105 15.81 21.29 -21.51
C ASN A 105 14.99 20.01 -21.35
N VAL A 106 14.65 19.69 -20.11
CA VAL A 106 13.84 18.52 -19.79
C VAL A 106 12.37 18.93 -19.74
N ASN A 107 11.53 18.22 -20.48
CA ASN A 107 10.08 18.44 -20.43
C ASN A 107 9.56 17.90 -19.10
N TRP A 108 9.18 18.80 -18.20
CA TRP A 108 8.68 18.39 -16.89
C TRP A 108 7.18 18.10 -16.88
N GLU A 109 6.45 18.49 -17.93
CA GLU A 109 5.01 18.25 -17.97
C GLU A 109 4.69 16.82 -18.38
N ASN A 110 5.48 16.26 -19.28
CA ASN A 110 5.32 14.88 -19.76
C ASN A 110 6.64 14.19 -19.51
N LEU A 111 6.77 13.59 -18.33
CA LEU A 111 8.05 13.12 -17.83
C LEU A 111 7.92 11.66 -17.40
N LEU A 112 8.86 10.83 -17.87
CA LEU A 112 9.04 9.46 -17.41
C LEU A 112 10.43 9.35 -16.80
N LEU A 113 10.51 9.08 -15.50
CA LEU A 113 11.78 9.16 -14.78
C LEU A 113 11.98 7.93 -13.90
N GLU A 114 13.13 7.26 -14.09
CA GLU A 114 13.50 6.10 -13.30
C GLU A 114 14.73 6.41 -12.46
N LEU A 115 14.71 6.00 -11.20
CA LEU A 115 15.87 6.04 -10.33
C LEU A 115 16.26 4.63 -9.95
N LYS A 116 17.57 4.35 -9.94
CA LYS A 116 18.10 3.07 -9.51
C LYS A 116 19.34 3.28 -8.66
N GLY A 117 19.43 2.52 -7.57
CA GLY A 117 20.62 2.59 -6.73
C GLY A 117 20.62 1.48 -5.70
N TYR A 118 21.75 1.34 -5.03
CA TYR A 118 21.94 0.39 -3.95
C TYR A 118 21.82 1.14 -2.62
N PHE A 119 20.82 0.78 -1.83
CA PHE A 119 20.65 1.36 -0.50
C PHE A 119 21.50 0.57 0.49
N ARG A 120 22.33 1.28 1.25
CA ARG A 120 23.22 0.66 2.21
C ARG A 120 22.79 1.03 3.63
N ALA A 121 22.57 0.02 4.47
CA ALA A 121 22.27 0.25 5.87
C ALA A 121 23.56 0.45 6.66
N GLU A 122 23.60 1.51 7.47
CA GLU A 122 24.74 1.72 8.36
C GLU A 122 24.63 0.87 9.61
N VAL A 123 23.44 0.78 10.19
CA VAL A 123 23.18 -0.04 11.36
C VAL A 123 22.08 -1.05 11.01
N SER A 124 21.91 -2.03 11.88
CA SER A 124 20.81 -2.98 11.74
C SER A 124 19.58 -2.37 12.40
N GLY A 125 18.50 -2.22 11.63
CA GLY A 125 17.30 -1.63 12.18
C GLY A 125 16.30 -1.30 11.09
N ASP A 126 15.22 -0.64 11.51
CA ASP A 126 14.09 -0.30 10.63
C ASP A 126 14.40 0.96 9.85
N TYR A 127 14.57 0.83 8.54
CA TYR A 127 14.70 1.97 7.65
C TYR A 127 13.41 2.14 6.87
N GLY A 128 13.09 3.39 6.52
CA GLY A 128 11.90 3.70 5.76
C GLY A 128 12.23 4.36 4.43
N LEU A 129 11.36 4.15 3.45
CA LEU A 129 11.37 4.86 2.18
C LEU A 129 9.97 5.41 1.96
N SER A 130 9.87 6.68 1.56
CA SER A 130 8.58 7.33 1.48
C SER A 130 8.37 8.05 0.15
N LEU A 131 7.14 7.99 -0.33
CA LEU A 131 6.68 8.79 -1.47
C LEU A 131 5.55 9.67 -0.98
N ARG A 132 5.75 10.98 -1.05
CA ARG A 132 4.82 11.94 -0.47
C ARG A 132 4.20 12.80 -1.56
N ASN A 133 2.87 12.90 -1.54
CA ASN A 133 2.11 13.86 -2.35
C ASN A 133 2.50 13.77 -3.82
N ILE A 134 2.63 12.54 -4.33
CA ILE A 134 3.12 12.32 -5.68
C ILE A 134 2.12 12.84 -6.70
N ASP A 135 2.64 13.52 -7.72
CA ASP A 135 1.86 14.03 -8.85
C ASP A 135 2.75 13.86 -10.08
N ASP A 136 2.39 12.96 -11.00
CA ASP A 136 1.14 12.21 -11.03
C ASP A 136 1.17 10.83 -10.36
N SER A 137 2.22 10.04 -10.61
CA SER A 137 2.21 8.65 -10.18
C SER A 137 3.64 8.16 -9.99
N ALA A 138 3.81 7.21 -9.06
CA ALA A 138 5.13 6.65 -8.78
C ALA A 138 5.00 5.25 -8.20
N ILE A 139 6.02 4.44 -8.43
CA ILE A 139 6.08 3.06 -7.96
C ILE A 139 7.48 2.80 -7.43
N LEU A 140 7.57 2.01 -6.36
CA LEU A 140 8.84 1.71 -5.70
C LEU A 140 9.03 0.20 -5.61
N PHE A 141 10.19 -0.27 -6.06
CA PHE A 141 10.60 -1.66 -5.93
C PHE A 141 11.83 -1.72 -5.02
N PHE A 142 11.80 -2.64 -4.06
CA PHE A 142 12.86 -2.74 -3.07
C PHE A 142 13.35 -4.19 -2.98
N GLY A 143 14.65 -4.39 -3.15
CA GLY A 143 15.21 -5.71 -2.98
C GLY A 143 15.65 -6.31 -4.30
N LYS A 144 16.53 -7.31 -4.19
CA LYS A 144 17.18 -7.90 -5.37
C LYS A 144 16.22 -8.71 -6.23
N GLU A 145 15.07 -9.13 -5.69
CA GLU A 145 14.14 -9.93 -6.47
C GLU A 145 13.18 -9.08 -7.31
N THR A 146 13.06 -7.78 -7.04
CA THR A 146 12.07 -6.96 -7.74
C THR A 146 12.67 -5.68 -8.31
N ALA A 147 13.68 -5.11 -7.65
CA ALA A 147 14.28 -3.88 -8.15
C ALA A 147 15.20 -4.16 -9.33
N PHE A 148 16.28 -4.91 -9.08
CA PHE A 148 17.19 -5.35 -10.13
C PHE A 148 18.15 -6.37 -9.52
N GLN A 149 18.89 -7.05 -10.39
CA GLN A 149 19.83 -8.06 -9.95
C GLN A 149 21.02 -7.42 -9.25
N CYS A 150 21.47 -8.09 -8.18
CA CYS A 150 22.61 -7.59 -7.40
CA CYS A 150 22.63 -7.66 -7.40
C CYS A 150 23.80 -7.23 -8.28
N CYS A 151 24.19 -8.11 -9.20
CA CYS A 151 25.42 -7.88 -9.94
CA CYS A 151 25.40 -7.99 -10.01
C CYS A 151 25.18 -7.27 -11.31
N ASN A 152 23.93 -6.97 -11.67
CA ASN A 152 23.65 -6.31 -12.96
C ASN A 152 22.42 -5.42 -12.77
N GLU A 153 22.69 -4.12 -12.62
CA GLU A 153 21.63 -3.12 -12.45
C GLU A 153 20.71 -3.03 -13.65
N ASN A 154 21.12 -3.58 -14.80
CA ASN A 154 20.30 -3.58 -16.00
C ASN A 154 19.47 -4.85 -16.15
N SER A 155 19.57 -5.78 -15.22
CA SER A 155 18.78 -7.01 -15.25
C SER A 155 17.55 -6.79 -14.37
N ILE A 156 16.42 -6.49 -15.01
CA ILE A 156 15.18 -6.12 -14.34
C ILE A 156 14.06 -6.98 -14.90
N SER A 157 13.36 -7.69 -14.02
CA SER A 157 12.15 -8.40 -14.41
C SER A 157 11.31 -8.64 -13.16
N ASN A 158 10.01 -8.44 -13.29
CA ASN A 158 9.09 -8.69 -12.19
C ASN A 158 8.26 -9.93 -12.50
N GLU A 159 7.94 -10.68 -11.45
CA GLU A 159 7.21 -11.92 -11.62
C GLU A 159 5.70 -11.70 -11.65
N ALA A 160 5.20 -10.77 -10.84
CA ALA A 160 3.76 -10.54 -10.71
C ALA A 160 3.50 -9.06 -10.54
N SER A 161 2.25 -8.67 -10.73
CA SER A 161 1.87 -7.27 -10.60
C SER A 161 1.85 -6.80 -9.14
N THR A 162 2.07 -7.70 -8.18
CA THR A 162 2.13 -7.36 -6.77
C THR A 162 3.56 -7.29 -6.25
N ASP A 163 4.56 -7.19 -7.14
CA ASP A 163 5.96 -7.18 -6.73
C ASP A 163 6.38 -5.86 -6.10
N TYR A 164 5.61 -4.78 -6.28
CA TYR A 164 6.04 -3.48 -5.80
C TYR A 164 5.93 -3.40 -4.28
N SER A 165 6.70 -2.48 -3.70
CA SER A 165 6.59 -2.16 -2.29
C SER A 165 5.69 -0.96 -2.03
N LEU A 166 5.66 0.00 -2.94
CA LEU A 166 4.81 1.17 -2.86
C LEU A 166 4.28 1.51 -4.24
N PHE A 167 3.02 1.92 -4.31
CA PHE A 167 2.45 2.44 -5.55
C PHE A 167 1.47 3.54 -5.21
N THR A 168 1.59 4.69 -5.88
CA THR A 168 0.70 5.81 -5.62
C THR A 168 0.33 6.49 -6.93
N ILE A 169 -0.93 6.89 -7.04
CA ILE A 169 -1.40 7.64 -8.19
C ILE A 169 -2.29 8.77 -7.69
N PHE A 170 -2.15 9.95 -8.30
CA PHE A 170 -2.89 11.14 -7.89
C PHE A 170 -4.24 11.12 -8.57
N ARG A 171 -5.28 10.81 -7.81
CA ARG A 171 -6.67 10.83 -8.29
C ARG A 171 -7.38 12.00 -7.62
N GLN A 172 -7.96 12.88 -8.43
CA GLN A 172 -8.61 14.07 -7.89
C GLN A 172 -9.73 13.69 -6.93
N GLU A 173 -9.42 13.75 -5.63
CA GLU A 173 -10.36 13.43 -4.56
C GLU A 173 -11.24 14.60 -4.18
N GLY A 174 -11.51 15.53 -5.10
CA GLY A 174 -12.34 16.67 -4.79
C GLY A 174 -11.94 17.89 -5.58
N ASP A 175 -11.81 19.03 -4.89
CA ASP A 175 -11.37 20.27 -5.50
C ASP A 175 -9.91 20.59 -5.20
N GLU A 176 -9.21 19.72 -4.50
CA GLU A 176 -7.82 20.00 -4.13
C GLU A 176 -6.88 19.88 -5.32
N THR A 177 -5.78 20.63 -5.24
CA THR A 177 -4.75 20.66 -6.28
C THR A 177 -3.52 19.84 -5.90
N THR A 178 -3.49 19.27 -4.71
CA THR A 178 -2.35 18.54 -4.20
C THR A 178 -2.77 17.12 -3.82
N ASN A 179 -1.94 16.14 -4.16
CA ASN A 179 -2.18 14.77 -3.73
C ASN A 179 -1.97 14.68 -2.22
N LEU A 180 -3.02 14.30 -1.50
CA LEU A 180 -2.96 14.24 -0.05
C LEU A 180 -2.44 12.92 0.48
N ASP A 181 -2.20 11.94 -0.38
CA ASP A 181 -1.74 10.63 0.05
C ASP A 181 -0.22 10.61 0.22
N SER A 182 0.24 9.93 1.27
CA SER A 182 1.65 9.64 1.47
C SER A 182 1.82 8.17 1.82
N PHE A 183 2.93 7.60 1.40
CA PHE A 183 3.19 6.18 1.52
C PHE A 183 4.59 5.95 2.07
N THR A 184 4.72 4.98 2.97
CA THR A 184 6.01 4.68 3.56
C THR A 184 6.19 3.18 3.62
N TYR A 185 7.35 2.72 3.16
CA TYR A 185 7.74 1.32 3.23
C TYR A 185 8.86 1.21 4.26
N THR A 186 8.67 0.35 5.26
N THR A 186 8.66 0.38 5.29
CA THR A 186 9.63 0.13 6.33
CA THR A 186 9.67 0.14 6.30
C THR A 186 10.03 -1.34 6.36
C THR A 186 10.05 -1.33 6.31
N GLN A 187 11.34 -1.59 6.52
CA GLN A 187 11.85 -2.95 6.60
C GLN A 187 13.11 -2.96 7.48
N TYR A 188 13.28 -4.06 8.22
CA TYR A 188 14.49 -4.26 9.01
C TYR A 188 15.64 -4.61 8.07
N LEU A 189 16.70 -3.79 8.11
CA LEU A 189 17.88 -4.01 7.29
C LEU A 189 19.08 -4.37 8.15
N GLU A 190 20.05 -5.05 7.55
CA GLU A 190 21.25 -5.46 8.24
C GLU A 190 22.41 -4.55 7.87
N ALA A 191 23.21 -4.18 8.86
CA ALA A 191 24.31 -3.25 8.65
C ALA A 191 25.31 -3.81 7.65
N GLY A 192 25.74 -2.96 6.72
CA GLY A 192 26.77 -3.32 5.76
C GLY A 192 26.25 -3.92 4.46
N LYS A 193 25.00 -4.33 4.41
CA LYS A 193 24.45 -4.95 3.21
C LYS A 193 23.84 -3.89 2.28
N TYR A 194 23.73 -4.25 1.00
CA TYR A 194 23.20 -3.37 -0.03
C TYR A 194 21.87 -3.89 -0.52
N TYR A 195 20.91 -2.99 -0.69
CA TYR A 195 19.56 -3.35 -1.11
C TYR A 195 19.20 -2.61 -2.39
N PRO A 196 19.02 -3.31 -3.50
CA PRO A 196 18.60 -2.65 -4.74
C PRO A 196 17.29 -1.90 -4.56
N VAL A 197 17.25 -0.68 -5.09
CA VAL A 197 16.07 0.18 -5.04
C VAL A 197 15.84 0.74 -6.44
N ARG A 198 14.60 0.66 -6.91
CA ARG A 198 14.22 1.17 -8.22
C ARG A 198 12.88 1.87 -8.08
N THR A 199 12.77 3.08 -8.61
N THR A 199 12.80 3.09 -8.57
CA THR A 199 11.50 3.80 -8.58
CA THR A 199 11.56 3.84 -8.64
C THR A 199 11.25 4.44 -9.94
C THR A 199 11.27 4.22 -10.07
N PHE A 200 9.99 4.42 -10.37
CA PHE A 200 9.56 4.96 -11.64
C PHE A 200 8.50 6.03 -11.38
N PHE A 201 8.72 7.23 -11.92
CA PHE A 201 7.85 8.37 -11.67
C PHE A 201 7.30 8.89 -13.00
N VAL A 202 6.03 9.29 -12.98
CA VAL A 202 5.36 9.80 -14.16
C VAL A 202 4.67 11.11 -13.82
N ASN A 203 4.93 12.15 -14.62
CA ASN A 203 4.07 13.32 -14.66
C ASN A 203 3.36 13.36 -16.01
N ILE A 204 2.05 13.57 -15.96
CA ILE A 204 1.20 13.60 -17.15
C ILE A 204 0.99 15.02 -17.65
N GLU A 205 0.75 15.96 -16.73
CA GLU A 205 0.47 17.34 -17.13
C GLU A 205 0.61 18.21 -15.90
N ARG A 206 0.85 19.51 -16.14
CA ARG A 206 0.88 20.55 -15.10
C ARG A 206 1.83 20.10 -13.98
N HIS A 207 1.45 20.24 -12.72
CA HIS A 207 2.38 20.10 -11.60
C HIS A 207 3.06 18.74 -11.61
N ALA A 208 4.38 18.76 -11.38
CA ALA A 208 5.16 17.55 -11.17
C ALA A 208 5.66 17.57 -9.73
N VAL A 209 5.22 16.61 -8.94
CA VAL A 209 5.67 16.50 -7.56
C VAL A 209 6.21 15.09 -7.34
N PHE A 210 7.50 15.00 -7.05
CA PHE A 210 8.15 13.72 -6.77
C PHE A 210 8.94 13.94 -5.48
N ASN A 211 8.30 13.68 -4.34
CA ASN A 211 8.92 13.84 -3.02
C ASN A 211 9.28 12.46 -2.49
N PHE A 212 10.56 12.09 -2.63
CA PHE A 212 11.07 10.75 -2.33
C PHE A 212 12.08 10.88 -1.19
N THR A 213 11.78 10.29 -0.03
CA THR A 213 12.61 10.45 1.15
C THR A 213 12.94 9.08 1.77
N MET A 214 13.84 9.12 2.75
CA MET A 214 14.22 7.96 3.54
C MET A 214 14.14 8.32 5.02
N THR A 215 14.04 7.28 5.86
CA THR A 215 13.91 7.46 7.30
C THR A 215 14.88 6.53 8.02
N LEU A 216 15.62 7.08 8.98
CA LEU A 216 16.56 6.30 9.78
C LEU A 216 15.82 5.58 10.90
N PRO A 217 16.45 4.55 11.49
CA PRO A 217 15.79 3.82 12.59
C PRO A 217 15.37 4.69 13.76
N ASP A 218 16.01 5.83 13.97
CA ASP A 218 15.61 6.72 15.06
C ASP A 218 14.46 7.65 14.68
N GLY A 219 13.94 7.55 13.46
CA GLY A 219 12.82 8.36 13.03
C GLY A 219 13.19 9.59 12.23
N THR A 220 14.48 9.87 12.03
CA THR A 220 14.88 11.04 11.27
C THR A 220 14.62 10.84 9.79
N GLU A 221 13.89 11.78 9.19
CA GLU A 221 13.54 11.73 7.77
C GLU A 221 14.49 12.64 6.99
N LEU A 222 15.13 12.07 5.97
CA LEU A 222 16.11 12.79 5.17
C LEU A 222 15.63 12.90 3.74
N THR A 223 15.76 14.10 3.16
CA THR A 223 15.53 14.31 1.75
C THR A 223 16.77 14.03 0.92
N ASP A 224 17.95 14.00 1.54
CA ASP A 224 19.21 13.72 0.86
C ASP A 224 19.68 12.33 1.29
N PHE A 225 19.88 11.45 0.31
CA PHE A 225 20.29 10.06 0.54
C PHE A 225 21.80 9.91 0.64
N HIS A 226 22.55 11.01 0.67
CA HIS A 226 24.00 10.93 0.71
C HIS A 226 24.47 10.09 1.89
N ASN A 227 25.38 9.15 1.60
CA ASN A 227 25.98 8.14 2.48
C ASN A 227 25.09 6.91 2.63
N TYR A 228 23.94 6.85 1.95
CA TYR A 228 23.08 5.68 1.99
C TYR A 228 22.76 5.10 0.61
N ILE A 229 22.82 5.89 -0.46
CA ILE A 229 22.54 5.40 -1.80
C ILE A 229 23.85 5.39 -2.58
N TYR A 230 24.09 4.30 -3.31
CA TYR A 230 25.39 4.08 -3.92
C TYR A 230 25.26 3.43 -5.29
N GLN A 231 26.33 3.57 -6.07
CA GLN A 231 26.48 2.92 -7.36
C GLN A 231 27.80 2.18 -7.40
N PHE A 232 27.87 1.20 -8.30
CA PHE A 232 29.10 0.49 -8.59
C PHE A 232 29.28 0.42 -10.09
N GLY A 233 30.52 0.23 -10.53
CA GLY A 233 30.82 -0.07 -11.91
C GLY A 233 30.46 -1.50 -12.23
N ALA A 234 31.13 -2.06 -13.24
CA ALA A 234 30.95 -3.48 -13.54
C ALA A 234 31.45 -4.32 -12.38
N LEU A 235 30.69 -5.35 -12.03
CA LEU A 235 30.99 -6.19 -10.87
C LEU A 235 31.26 -7.61 -11.33
N ASP A 236 32.37 -8.17 -10.88
CA ASP A 236 32.73 -9.54 -11.19
C ASP A 236 32.09 -10.48 -10.16
N GLU A 237 32.14 -11.79 -10.45
CA GLU A 237 31.56 -12.77 -9.55
C GLU A 237 32.21 -12.73 -8.17
N GLU A 238 33.45 -12.26 -8.08
CA GLU A 238 34.16 -12.25 -6.81
C GLU A 238 33.76 -11.07 -5.93
N GLN A 239 33.40 -9.94 -6.53
CA GLN A 239 33.02 -8.76 -5.77
C GLN A 239 31.54 -8.71 -5.41
N CYS A 240 30.73 -9.61 -5.96
CA CYS A 240 29.28 -9.53 -5.79
C CYS A 240 28.71 -10.91 -5.53
N GLN A 241 27.95 -11.03 -4.43
CA GLN A 241 27.32 -12.29 -4.04
C GLN A 241 25.93 -12.00 -3.50
N ALA A 242 24.98 -12.86 -3.84
CA ALA A 242 23.62 -12.76 -3.32
C ALA A 242 23.10 -14.10 -2.85
N SER B 32 -17.56 16.48 5.06
CA SER B 32 -16.34 16.28 4.30
C SER B 32 -16.53 15.25 3.18
N ALA B 33 -15.42 14.72 2.70
CA ALA B 33 -15.41 13.66 1.70
C ALA B 33 -15.43 12.27 2.31
N TYR B 34 -15.41 12.16 3.63
CA TYR B 34 -15.32 10.88 4.31
C TYR B 34 -16.38 10.69 5.38
N ALA B 35 -16.75 11.73 6.11
CA ALA B 35 -17.48 11.61 7.36
C ALA B 35 -18.99 11.74 7.16
N CYS B 36 -19.73 11.10 8.06
CA CYS B 36 -21.18 11.22 8.15
C CYS B 36 -21.54 11.93 9.45
N ASP B 37 -22.66 12.63 9.41
CA ASP B 37 -23.26 13.22 10.61
C ASP B 37 -24.54 12.45 10.91
N ILE B 38 -24.55 11.73 12.02
CA ILE B 38 -25.63 10.81 12.37
C ILE B 38 -26.04 11.09 13.80
N ASP B 39 -27.32 11.39 14.00
CA ASP B 39 -27.90 11.64 15.32
C ASP B 39 -28.97 10.57 15.54
N ALA B 40 -28.56 9.43 16.08
CA ALA B 40 -29.47 8.30 16.26
C ALA B 40 -28.89 7.36 17.29
N THR B 41 -29.75 6.50 17.83
CA THR B 41 -29.32 5.47 18.77
C THR B 41 -28.31 4.55 18.09
N ARG B 42 -27.17 4.36 18.76
CA ARG B 42 -26.09 3.56 18.20
C ARG B 42 -25.91 2.27 18.99
N TYR B 43 -25.32 1.29 18.32
CA TYR B 43 -25.08 -0.03 18.88
C TYR B 43 -23.64 -0.43 18.59
N ASP B 44 -23.05 -1.17 19.53
CA ASP B 44 -21.65 -1.55 19.40
C ASP B 44 -21.48 -2.60 18.31
N GLY B 45 -20.37 -2.50 17.58
CA GLY B 45 -19.84 -3.63 16.84
C GLY B 45 -19.93 -3.45 15.34
N PHE B 46 -19.13 -4.27 14.65
CA PHE B 46 -19.24 -4.48 13.21
C PHE B 46 -20.41 -5.40 12.90
N ASN B 47 -20.94 -5.25 11.68
CA ASN B 47 -21.78 -6.28 11.06
CA ASN B 47 -21.78 -6.29 11.08
C ASN B 47 -20.86 -7.23 10.30
N ALA B 48 -20.93 -8.52 10.63
CA ALA B 48 -20.11 -9.54 9.97
C ALA B 48 -20.99 -10.41 9.10
N THR B 49 -20.55 -10.65 7.86
CA THR B 49 -21.31 -11.46 6.91
C THR B 49 -20.37 -12.45 6.24
N ILE B 50 -20.77 -13.72 6.25
CA ILE B 50 -20.02 -14.79 5.60
C ILE B 50 -20.69 -15.15 4.28
N TYR B 51 -19.91 -15.15 3.20
CA TYR B 51 -20.41 -15.44 1.87
C TYR B 51 -19.95 -16.81 1.41
N GLU B 52 -20.67 -17.37 0.44
CA GLU B 52 -20.40 -18.72 -0.02
C GLU B 52 -19.12 -18.77 -0.84
N PHE B 53 -18.13 -19.51 -0.34
CA PHE B 53 -16.89 -19.75 -1.07
C PHE B 53 -17.17 -20.66 -2.27
N GLN B 54 -16.57 -20.34 -3.40
CA GLN B 54 -16.70 -21.21 -4.57
C GLN B 54 -15.32 -21.69 -5.00
N PRO B 55 -15.22 -22.92 -5.53
CA PRO B 55 -13.92 -23.42 -5.99
C PRO B 55 -13.32 -22.47 -7.02
N GLY B 56 -12.03 -22.16 -6.83
CA GLY B 56 -11.36 -21.21 -7.68
C GLY B 56 -11.33 -19.79 -7.16
N ASP B 57 -11.98 -19.50 -6.03
CA ASP B 57 -11.96 -18.16 -5.48
C ASP B 57 -10.55 -17.71 -5.10
N GLY B 58 -9.63 -18.66 -4.90
CA GLY B 58 -8.24 -18.29 -4.65
C GLY B 58 -7.64 -17.44 -5.76
N ARG B 59 -8.08 -17.68 -7.00
CA ARG B 59 -7.62 -16.88 -8.13
C ARG B 59 -8.24 -15.49 -8.13
N LEU B 60 -9.37 -15.32 -7.48
CA LEU B 60 -10.05 -14.03 -7.45
C LEU B 60 -9.51 -13.09 -6.38
N THR B 61 -8.67 -13.57 -5.46
CA THR B 61 -8.06 -12.67 -4.48
C THR B 61 -7.22 -11.59 -5.15
N ARG B 62 -6.81 -11.80 -6.41
CA ARG B 62 -6.09 -10.80 -7.17
CA ARG B 62 -6.10 -10.80 -7.18
C ARG B 62 -7.00 -10.04 -8.13
N ASP B 63 -8.30 -10.28 -8.10
CA ASP B 63 -9.23 -9.65 -9.04
C ASP B 63 -9.80 -8.39 -8.41
N PRO B 64 -9.56 -7.21 -8.99
CA PRO B 64 -10.05 -5.98 -8.37
C PRO B 64 -11.56 -5.85 -8.37
N VAL B 65 -12.26 -6.51 -9.29
CA VAL B 65 -13.72 -6.47 -9.26
C VAL B 65 -14.25 -7.34 -8.13
N PHE B 66 -13.75 -8.57 -8.01
CA PHE B 66 -14.27 -9.47 -6.99
C PHE B 66 -13.98 -8.94 -5.60
N MET B 67 -12.77 -8.43 -5.37
CA MET B 67 -12.39 -7.98 -4.04
C MET B 67 -12.99 -6.63 -3.66
N SER B 68 -13.56 -5.89 -4.61
CA SER B 68 -14.20 -4.63 -4.27
C SER B 68 -15.70 -4.76 -4.08
N THR B 69 -16.42 -5.31 -5.07
CA THR B 69 -17.86 -5.56 -4.92
C THR B 69 -18.31 -6.91 -5.46
N GLY B 70 -17.47 -7.63 -6.20
CA GLY B 70 -17.93 -8.86 -6.84
C GLY B 70 -18.39 -9.93 -5.86
N TYR B 71 -17.77 -9.99 -4.68
CA TYR B 71 -18.16 -11.00 -3.70
C TYR B 71 -19.61 -10.82 -3.23
N LEU B 72 -20.15 -9.61 -3.35
CA LEU B 72 -21.54 -9.37 -2.96
C LEU B 72 -22.54 -10.14 -3.82
N ASN B 73 -22.10 -10.73 -4.93
CA ASN B 73 -22.98 -11.59 -5.72
C ASN B 73 -23.08 -13.00 -5.17
N ARG B 74 -22.27 -13.34 -4.17
CA ARG B 74 -22.32 -14.66 -3.56
C ARG B 74 -23.47 -14.75 -2.57
N THR B 75 -23.98 -15.97 -2.39
CA THR B 75 -25.02 -16.21 -1.39
C THR B 75 -24.49 -15.90 0.00
N GLN B 76 -25.28 -15.16 0.78
CA GLN B 76 -24.94 -14.89 2.17
C GLN B 76 -25.30 -16.10 3.02
N LEU B 77 -24.30 -16.71 3.63
CA LEU B 77 -24.52 -17.87 4.48
C LEU B 77 -24.87 -17.48 5.92
N HIS B 78 -24.25 -16.44 6.45
CA HIS B 78 -24.46 -16.05 7.83
C HIS B 78 -24.29 -14.54 7.96
N SER B 79 -25.03 -13.97 8.91
CA SER B 79 -24.92 -12.55 9.24
C SER B 79 -25.11 -12.37 10.73
N ILE B 80 -24.21 -11.63 11.37
CA ILE B 80 -24.37 -11.27 12.77
C ILE B 80 -23.86 -9.84 12.97
N THR B 81 -24.16 -9.29 14.14
CA THR B 81 -23.76 -7.95 14.50
C THR B 81 -23.26 -7.97 15.94
N GLY B 82 -22.60 -6.89 16.34
CA GLY B 82 -22.06 -6.77 17.68
C GLY B 82 -20.62 -7.20 17.85
N VAL B 83 -19.90 -7.47 16.77
CA VAL B 83 -18.50 -7.86 16.86
C VAL B 83 -17.67 -6.61 17.11
N THR B 84 -17.04 -6.52 18.28
CA THR B 84 -16.09 -5.44 18.54
C THR B 84 -14.64 -5.88 18.48
N ASP B 85 -14.36 -7.19 18.63
CA ASP B 85 -13.01 -7.74 18.52
C ASP B 85 -12.99 -8.73 17.36
N PRO B 86 -12.63 -8.28 16.16
CA PRO B 86 -12.76 -9.15 14.97
C PRO B 86 -11.56 -10.04 14.67
N GLY B 87 -10.42 -9.86 15.31
CA GLY B 87 -9.23 -10.58 14.91
C GLY B 87 -9.30 -12.05 15.28
N PHE B 88 -8.78 -12.89 14.39
CA PHE B 88 -8.68 -14.31 14.71
C PHE B 88 -7.49 -14.91 13.98
N SER B 89 -7.02 -16.04 14.51
CA SER B 89 -5.97 -16.83 13.89
C SER B 89 -6.31 -18.29 14.12
N ILE B 90 -6.54 -19.04 13.03
CA ILE B 90 -7.09 -20.39 13.13
C ILE B 90 -6.23 -21.35 12.31
N TYR B 91 -5.85 -22.47 12.92
CA TYR B 91 -5.33 -23.61 12.16
C TYR B 91 -5.45 -24.85 13.05
N THR B 92 -6.44 -25.69 12.75
CA THR B 92 -6.69 -26.92 13.50
C THR B 92 -6.91 -28.05 12.51
N PRO B 93 -5.83 -28.64 11.98
CA PRO B 93 -5.98 -29.72 11.02
C PRO B 93 -6.67 -30.92 11.65
N GLY B 94 -7.59 -31.53 10.90
CA GLY B 94 -8.43 -32.59 11.39
C GLY B 94 -9.86 -32.17 11.66
N VAL B 95 -10.09 -30.92 12.02
CA VAL B 95 -11.42 -30.38 12.24
C VAL B 95 -11.61 -29.15 11.35
N PRO B 96 -12.32 -29.28 10.23
CA PRO B 96 -12.36 -28.20 9.25
C PRO B 96 -13.31 -27.07 9.61
N THR B 97 -14.12 -27.20 10.65
CA THR B 97 -15.06 -26.16 11.04
C THR B 97 -14.67 -25.59 12.41
N THR B 98 -15.20 -24.41 12.69
CA THR B 98 -14.98 -23.73 13.95
C THR B 98 -16.21 -22.88 14.25
N THR B 99 -16.24 -22.31 15.44
CA THR B 99 -17.24 -21.31 15.80
C THR B 99 -16.60 -19.94 15.65
N LEU B 100 -17.13 -19.15 14.70
CA LEU B 100 -16.59 -17.83 14.38
C LEU B 100 -17.63 -16.78 14.74
N TYR B 101 -17.27 -15.88 15.65
CA TYR B 101 -18.16 -14.80 16.10
C TYR B 101 -19.48 -15.36 16.64
N GLY B 102 -19.44 -16.52 17.28
CA GLY B 102 -20.64 -17.18 17.76
C GLY B 102 -21.43 -17.94 16.72
N ILE B 103 -20.98 -17.98 15.46
CA ILE B 103 -21.63 -18.75 14.42
C ILE B 103 -21.01 -20.14 14.40
N PRO B 104 -21.77 -21.19 14.65
CA PRO B 104 -21.18 -22.54 14.67
C PRO B 104 -21.01 -23.12 13.27
N ASN B 105 -20.08 -24.08 13.18
CA ASN B 105 -19.84 -24.88 11.98
C ASN B 105 -19.46 -24.01 10.77
N VAL B 106 -18.54 -23.07 10.99
CA VAL B 106 -18.04 -22.23 9.92
C VAL B 106 -16.77 -22.87 9.35
N ASN B 107 -16.74 -23.04 8.04
CA ASN B 107 -15.56 -23.53 7.34
C ASN B 107 -14.49 -22.44 7.34
N TRP B 108 -13.43 -22.63 8.12
CA TRP B 108 -12.36 -21.63 8.20
C TRP B 108 -11.30 -21.80 7.13
N GLU B 109 -11.27 -22.93 6.42
CA GLU B 109 -10.25 -23.12 5.39
C GLU B 109 -10.62 -22.39 4.11
N ASN B 110 -11.91 -22.35 3.79
CA ASN B 110 -12.44 -21.67 2.60
C ASN B 110 -13.47 -20.66 3.08
N LEU B 111 -13.01 -19.45 3.38
CA LEU B 111 -13.82 -18.46 4.08
C LEU B 111 -13.84 -17.14 3.32
N LEU B 112 -15.04 -16.60 3.11
CA LEU B 112 -15.24 -15.26 2.59
C LEU B 112 -15.97 -14.46 3.65
N LEU B 113 -15.31 -13.42 4.18
CA LEU B 113 -15.83 -12.71 5.34
C LEU B 113 -15.78 -11.20 5.13
N GLU B 114 -16.90 -10.53 5.34
CA GLU B 114 -17.01 -9.10 5.25
C GLU B 114 -17.35 -8.52 6.62
N LEU B 115 -16.69 -7.43 6.99
CA LEU B 115 -17.04 -6.63 8.15
C LEU B 115 -17.44 -5.24 7.69
N LYS B 116 -18.50 -4.70 8.31
CA LYS B 116 -18.97 -3.35 8.03
C LYS B 116 -19.34 -2.64 9.32
N GLY B 117 -18.94 -1.38 9.43
CA GLY B 117 -19.34 -0.61 10.60
C GLY B 117 -19.01 0.85 10.43
N TYR B 118 -19.51 1.64 11.36
CA TYR B 118 -19.24 3.08 11.43
C TYR B 118 -18.17 3.33 12.47
N PHE B 119 -17.02 3.85 12.05
CA PHE B 119 -15.96 4.19 12.98
C PHE B 119 -16.21 5.59 13.52
N ARG B 120 -16.23 5.73 14.84
CA ARG B 120 -16.47 7.02 15.48
C ARG B 120 -15.21 7.48 16.19
N ALA B 121 -14.78 8.70 15.87
CA ALA B 121 -13.65 9.31 16.56
C ALA B 121 -14.12 9.94 17.86
N GLU B 122 -13.45 9.59 18.96
CA GLU B 122 -13.73 10.26 20.23
C GLU B 122 -13.05 11.63 20.29
N VAL B 123 -11.82 11.73 19.81
CA VAL B 123 -11.09 12.99 19.76
C VAL B 123 -10.73 13.26 18.30
N SER B 124 -10.33 14.49 18.05
CA SER B 124 -9.81 14.88 16.73
C SER B 124 -8.33 14.55 16.68
N GLY B 125 -7.93 13.74 15.71
CA GLY B 125 -6.54 13.37 15.59
C GLY B 125 -6.35 12.24 14.60
N ASP B 126 -5.11 11.76 14.55
CA ASP B 126 -4.70 10.72 13.60
C ASP B 126 -5.08 9.37 14.17
N TYR B 127 -6.02 8.69 13.51
CA TYR B 127 -6.36 7.32 13.84
C TYR B 127 -5.80 6.39 12.79
N GLY B 128 -5.45 5.17 13.21
CA GLY B 128 -4.91 4.18 12.32
C GLY B 128 -5.78 2.93 12.30
N LEU B 129 -5.78 2.26 11.16
CA LEU B 129 -6.39 0.95 10.98
C LEU B 129 -5.33 0.04 10.36
N SER B 130 -5.18 -1.17 10.90
CA SER B 130 -4.08 -2.02 10.47
C SER B 130 -4.56 -3.44 10.15
N LEU B 131 -3.95 -4.01 9.11
CA LEU B 131 -4.08 -5.42 8.76
C LEU B 131 -2.70 -6.04 8.87
N ARG B 132 -2.56 -7.02 9.76
CA ARG B 132 -1.27 -7.58 10.10
C ARG B 132 -1.22 -9.06 9.73
N ASN B 133 -0.17 -9.45 9.00
CA ASN B 133 0.17 -10.85 8.74
C ASN B 133 -1.03 -11.61 8.17
N ILE B 134 -1.74 -10.96 7.24
CA ILE B 134 -2.98 -11.51 6.73
C ILE B 134 -2.71 -12.78 5.95
N ASP B 135 -3.54 -13.79 6.18
CA ASP B 135 -3.51 -15.07 5.46
C ASP B 135 -4.96 -15.48 5.27
N ASP B 136 -5.45 -15.46 4.02
CA ASP B 136 -4.69 -15.26 2.79
C ASP B 136 -4.65 -13.82 2.26
N SER B 137 -5.80 -13.13 2.27
CA SER B 137 -5.88 -11.83 1.60
C SER B 137 -6.98 -11.00 2.23
N ALA B 138 -6.81 -9.67 2.21
CA ALA B 138 -7.79 -8.77 2.79
C ALA B 138 -7.70 -7.39 2.14
N ILE B 139 -8.82 -6.68 2.15
CA ILE B 139 -8.94 -5.35 1.57
C ILE B 139 -9.74 -4.47 2.53
N LEU B 140 -9.37 -3.20 2.62
CA LEU B 140 -9.99 -2.24 3.52
C LEU B 140 -10.47 -1.04 2.73
N PHE B 141 -11.74 -0.68 2.91
CA PHE B 141 -12.32 0.53 2.35
C PHE B 141 -12.73 1.44 3.50
N PHE B 142 -12.35 2.72 3.41
CA PHE B 142 -12.59 3.68 4.48
C PHE B 142 -13.24 4.94 3.91
N GLY B 143 -14.38 5.31 4.47
CA GLY B 143 -15.05 6.53 4.08
C GLY B 143 -16.34 6.27 3.33
N LYS B 144 -17.21 7.28 3.32
CA LYS B 144 -18.54 7.14 2.74
C LYS B 144 -18.53 6.99 1.22
N GLU B 145 -17.44 7.36 0.56
CA GLU B 145 -17.38 7.24 -0.88
C GLU B 145 -16.95 5.86 -1.37
N THR B 146 -16.35 5.03 -0.51
CA THR B 146 -15.82 3.75 -0.95
C THR B 146 -16.28 2.57 -0.10
N ALA B 147 -16.51 2.80 1.20
CA ALA B 147 -16.95 1.71 2.06
C ALA B 147 -18.44 1.42 1.87
N PHE B 148 -19.30 2.40 2.17
CA PHE B 148 -20.73 2.29 1.92
C PHE B 148 -21.35 3.66 2.15
N GLN B 149 -22.60 3.80 1.72
CA GLN B 149 -23.30 5.08 1.87
C GLN B 149 -23.66 5.35 3.33
N CYS B 150 -23.55 6.62 3.72
CA CYS B 150 -23.80 7.02 5.10
CA CYS B 150 -23.83 7.05 5.09
C CYS B 150 -25.15 6.49 5.60
N CYS B 151 -26.22 6.73 4.84
N CYS B 151 -26.23 6.75 4.85
CA CYS B 151 -27.57 6.42 5.31
CA CYS B 151 -27.58 6.40 5.29
C CYS B 151 -28.07 5.09 4.76
C CYS B 151 -27.88 4.92 5.14
N ASN B 152 -27.19 4.23 4.25
CA ASN B 152 -27.58 2.88 3.83
C ASN B 152 -26.32 2.02 3.76
N GLU B 153 -26.10 1.22 4.81
CA GLU B 153 -24.95 0.33 4.89
C GLU B 153 -24.96 -0.73 3.79
N ASN B 154 -26.09 -0.93 3.12
CA ASN B 154 -26.20 -1.90 2.03
C ASN B 154 -25.96 -1.28 0.67
N SER B 155 -25.71 0.03 0.60
CA SER B 155 -25.45 0.72 -0.66
C SER B 155 -23.94 0.80 -0.85
N ILE B 156 -23.40 -0.11 -1.64
CA ILE B 156 -21.96 -0.26 -1.82
C ILE B 156 -21.67 -0.26 -3.32
N SER B 157 -20.79 0.64 -3.74
CA SER B 157 -20.30 0.61 -5.12
C SER B 157 -18.98 1.36 -5.17
N ASN B 158 -18.03 0.81 -5.92
CA ASN B 158 -16.73 1.43 -6.09
C ASN B 158 -16.58 1.95 -7.52
N GLU B 159 -15.88 3.08 -7.66
CA GLU B 159 -15.72 3.73 -8.95
C GLU B 159 -14.53 3.18 -9.73
N ALA B 160 -13.43 2.86 -9.05
CA ALA B 160 -12.21 2.42 -9.70
C ALA B 160 -11.51 1.37 -8.85
N SER B 161 -10.56 0.66 -9.47
CA SER B 161 -9.79 -0.37 -8.78
CA SER B 161 -9.82 -0.37 -8.76
C SER B 161 -8.89 0.18 -7.70
N THR B 162 -8.67 1.49 -7.66
CA THR B 162 -7.79 2.14 -6.69
C THR B 162 -8.55 2.77 -5.53
N ASP B 163 -9.82 2.41 -5.33
CA ASP B 163 -10.63 3.01 -4.28
C ASP B 163 -10.25 2.53 -2.88
N TYR B 164 -9.53 1.41 -2.77
CA TYR B 164 -9.27 0.83 -1.45
C TYR B 164 -8.24 1.66 -0.69
N SER B 165 -8.27 1.53 0.64
CA SER B 165 -7.26 2.16 1.48
C SER B 165 -6.12 1.24 1.83
N LEU B 166 -6.38 -0.06 1.96
CA LEU B 166 -5.37 -1.08 2.20
C LEU B 166 -5.74 -2.32 1.41
N PHE B 167 -4.72 -2.99 0.85
CA PHE B 167 -4.91 -4.29 0.23
C PHE B 167 -3.68 -5.13 0.48
N THR B 168 -3.88 -6.37 0.94
CA THR B 168 -2.78 -7.27 1.24
C THR B 168 -3.11 -8.67 0.77
N ILE B 169 -2.12 -9.35 0.21
CA ILE B 169 -2.26 -10.75 -0.17
C ILE B 169 -0.99 -11.48 0.23
N PHE B 170 -1.16 -12.70 0.74
CA PHE B 170 -0.04 -13.50 1.23
C PHE B 170 0.59 -14.23 0.06
N ARG B 171 1.74 -13.76 -0.39
CA ARG B 171 2.53 -14.45 -1.40
C ARG B 171 3.81 -14.95 -0.75
N GLN B 172 3.99 -16.27 -0.76
CA GLN B 172 5.16 -16.92 -0.16
C GLN B 172 6.44 -16.48 -0.87
N GLU B 173 7.25 -15.65 -0.23
CA GLU B 173 8.49 -15.22 -0.87
C GLU B 173 9.51 -16.34 -0.83
N GLY B 174 9.61 -17.02 0.30
CA GLY B 174 10.45 -18.20 0.44
C GLY B 174 9.60 -19.35 0.91
N ASP B 175 10.14 -20.10 1.86
CA ASP B 175 9.41 -21.19 2.52
C ASP B 175 9.09 -20.76 3.95
N GLU B 176 8.11 -19.85 4.08
CA GLU B 176 7.64 -19.39 5.37
C GLU B 176 6.15 -19.65 5.48
N THR B 177 5.67 -19.82 6.70
CA THR B 177 4.26 -20.09 6.96
C THR B 177 3.49 -18.86 7.43
N THR B 178 4.17 -17.73 7.61
CA THR B 178 3.55 -16.52 8.13
C THR B 178 3.76 -15.39 7.14
N ASN B 179 2.69 -14.62 6.89
CA ASN B 179 2.82 -13.42 6.08
C ASN B 179 3.59 -12.38 6.89
N LEU B 180 4.73 -11.94 6.35
CA LEU B 180 5.59 -11.01 7.06
C LEU B 180 5.19 -9.56 6.87
N ASP B 181 4.23 -9.28 5.99
CA ASP B 181 3.82 -7.92 5.69
C ASP B 181 2.75 -7.44 6.67
N SER B 182 2.82 -6.16 7.01
CA SER B 182 1.78 -5.49 7.77
CA SER B 182 1.80 -5.48 7.78
C SER B 182 1.48 -4.15 7.10
N PHE B 183 0.22 -3.73 7.21
CA PHE B 183 -0.25 -2.51 6.55
C PHE B 183 -1.02 -1.66 7.54
N THR B 184 -0.84 -0.34 7.45
CA THR B 184 -1.54 0.59 8.32
C THR B 184 -2.01 1.78 7.51
N TYR B 185 -3.28 2.14 7.68
CA TYR B 185 -3.88 3.33 7.07
C TYR B 185 -4.16 4.34 8.18
N THR B 186 -3.65 5.56 8.02
N THR B 186 -3.62 5.54 8.04
CA THR B 186 -3.81 6.61 9.01
CA THR B 186 -3.83 6.61 9.02
C THR B 186 -4.45 7.83 8.38
C THR B 186 -4.51 7.79 8.35
N GLN B 187 -5.42 8.42 9.08
CA GLN B 187 -6.09 9.62 8.61
C GLN B 187 -6.51 10.47 9.81
N TYR B 188 -6.47 11.79 9.62
CA TYR B 188 -6.95 12.71 10.65
C TYR B 188 -8.47 12.69 10.66
N LEU B 189 -9.06 12.37 11.81
CA LEU B 189 -10.50 12.31 11.96
C LEU B 189 -10.98 13.40 12.93
N GLU B 190 -12.23 13.79 12.79
CA GLU B 190 -12.83 14.80 13.66
C GLU B 190 -13.73 14.14 14.69
N ALA B 191 -13.66 14.63 15.92
CA ALA B 191 -14.41 14.03 17.02
C ALA B 191 -15.90 14.08 16.76
N GLY B 192 -16.58 12.96 17.02
CA GLY B 192 -18.02 12.88 16.92
C GLY B 192 -18.55 12.44 15.58
N LYS B 193 -17.74 12.48 14.54
CA LYS B 193 -18.20 12.08 13.21
C LYS B 193 -18.02 10.58 13.02
N TYR B 194 -18.82 10.03 12.12
CA TYR B 194 -18.82 8.60 11.82
C TYR B 194 -18.23 8.36 10.44
N TYR B 195 -17.38 7.35 10.34
CA TYR B 195 -16.68 7.03 9.10
C TYR B 195 -17.00 5.60 8.70
N PRO B 196 -17.70 5.37 7.59
CA PRO B 196 -17.95 4.01 7.14
C PRO B 196 -16.66 3.24 6.90
N VAL B 197 -16.65 1.99 7.36
CA VAL B 197 -15.51 1.08 7.20
C VAL B 197 -16.03 -0.27 6.73
N ARG B 198 -15.38 -0.82 5.70
CA ARG B 198 -15.74 -2.11 5.16
C ARG B 198 -14.46 -2.88 4.87
N THR B 199 -14.37 -4.12 5.37
CA THR B 199 -13.26 -5.00 5.05
C THR B 199 -13.79 -6.29 4.45
N PHE B 200 -12.97 -6.91 3.61
CA PHE B 200 -13.27 -8.21 3.03
C PHE B 200 -12.03 -9.08 3.17
N PHE B 201 -12.21 -10.25 3.76
CA PHE B 201 -11.12 -11.18 4.06
C PHE B 201 -11.38 -12.52 3.40
N VAL B 202 -10.32 -13.12 2.86
CA VAL B 202 -10.42 -14.41 2.18
C VAL B 202 -9.37 -15.34 2.78
N ASN B 203 -9.80 -16.54 3.16
CA ASN B 203 -8.89 -17.65 3.38
C ASN B 203 -9.13 -18.70 2.31
N ILE B 204 -8.05 -19.16 1.68
CA ILE B 204 -8.13 -20.13 0.61
C ILE B 204 -7.91 -21.55 1.12
N GLU B 205 -6.94 -21.73 2.00
CA GLU B 205 -6.58 -23.05 2.51
C GLU B 205 -5.72 -22.88 3.75
N ARG B 206 -5.72 -23.92 4.59
CA ARG B 206 -4.86 -24.05 5.78
C ARG B 206 -5.02 -22.79 6.64
N HIS B 207 -3.94 -22.20 7.14
CA HIS B 207 -4.02 -21.18 8.18
C HIS B 207 -4.89 -19.99 7.74
N ALA B 208 -5.75 -19.56 8.66
CA ALA B 208 -6.54 -18.34 8.48
C ALA B 208 -6.06 -17.33 9.52
N VAL B 209 -5.49 -16.23 9.06
CA VAL B 209 -5.03 -15.17 9.94
C VAL B 209 -5.64 -13.86 9.48
N PHE B 210 -6.45 -13.26 10.34
CA PHE B 210 -7.10 -11.97 10.07
C PHE B 210 -6.86 -11.14 11.32
N ASN B 211 -5.74 -10.41 11.33
CA ASN B 211 -5.37 -9.58 12.47
C ASN B 211 -5.69 -8.13 12.08
N PHE B 212 -6.84 -7.65 12.55
CA PHE B 212 -7.38 -6.36 12.18
C PHE B 212 -7.48 -5.51 13.45
N THR B 213 -6.69 -4.42 13.50
CA THR B 213 -6.56 -3.61 14.70
C THR B 213 -6.78 -2.14 14.38
N MET B 214 -6.83 -1.32 15.44
CA MET B 214 -6.92 0.12 15.33
C MET B 214 -5.86 0.75 16.23
N THR B 215 -5.53 2.01 15.94
CA THR B 215 -4.52 2.74 16.67
C THR B 215 -5.06 4.12 17.03
N LEU B 216 -4.90 4.50 18.29
CA LEU B 216 -5.32 5.81 18.76
C LEU B 216 -4.27 6.85 18.42
N PRO B 217 -4.63 8.15 18.46
CA PRO B 217 -3.65 9.20 18.16
C PRO B 217 -2.41 9.18 19.04
N ASP B 218 -2.49 8.63 20.25
CA ASP B 218 -1.31 8.55 21.11
C ASP B 218 -0.45 7.33 20.81
N GLY B 219 -0.82 6.51 19.83
CA GLY B 219 -0.05 5.34 19.45
C GLY B 219 -0.52 4.02 20.04
N THR B 220 -1.56 4.03 20.87
CA THR B 220 -2.03 2.78 21.45
C THR B 220 -2.77 1.95 20.42
N GLU B 221 -2.35 0.69 20.26
CA GLU B 221 -2.94 -0.23 19.30
C GLU B 221 -3.90 -1.16 20.03
N LEU B 222 -5.15 -1.21 19.56
CA LEU B 222 -6.21 -2.00 20.19
C LEU B 222 -6.67 -3.09 19.23
N THR B 223 -6.82 -4.31 19.76
CA THR B 223 -7.48 -5.37 19.02
C THR B 223 -8.98 -5.36 19.22
N ASP B 224 -9.48 -4.65 20.23
CA ASP B 224 -10.90 -4.54 20.52
C ASP B 224 -11.35 -3.13 20.15
N PHE B 225 -12.30 -3.03 19.22
CA PHE B 225 -12.81 -1.76 18.73
C PHE B 225 -13.94 -1.21 19.59
N HIS B 226 -14.20 -1.81 20.75
CA HIS B 226 -15.31 -1.38 21.59
C HIS B 226 -15.19 0.11 21.91
N ASN B 227 -16.31 0.82 21.72
CA ASN B 227 -16.50 2.27 21.88
C ASN B 227 -16.04 3.05 20.66
N TYR B 228 -15.59 2.40 19.59
CA TYR B 228 -15.20 3.10 18.37
C TYR B 228 -15.94 2.62 17.13
N ILE B 229 -16.44 1.38 17.10
CA ILE B 229 -17.17 0.86 15.96
C ILE B 229 -18.63 0.72 16.35
N TYR B 230 -19.53 1.12 15.45
CA TYR B 230 -20.93 1.22 15.80
C TYR B 230 -21.82 0.81 14.63
N GLN B 231 -23.07 0.49 14.97
CA GLN B 231 -24.12 0.18 14.02
C GLN B 231 -25.33 1.04 14.32
N PHE B 232 -26.18 1.19 13.31
CA PHE B 232 -27.46 1.86 13.45
C PHE B 232 -28.54 1.02 12.78
N GLY B 233 -29.78 1.24 13.19
CA GLY B 233 -30.93 0.70 12.49
C GLY B 233 -31.18 1.47 11.21
N ALA B 234 -32.43 1.47 10.76
CA ALA B 234 -32.81 2.28 9.62
C ALA B 234 -32.66 3.75 9.97
N LEU B 235 -32.12 4.53 9.02
CA LEU B 235 -31.82 5.95 9.25
C LEU B 235 -32.67 6.80 8.32
N ASP B 236 -33.33 7.79 8.89
CA ASP B 236 -34.13 8.75 8.16
C ASP B 236 -33.27 9.92 7.70
N GLU B 237 -33.79 10.68 6.74
CA GLU B 237 -33.05 11.82 6.20
C GLU B 237 -32.77 12.87 7.27
N GLU B 238 -33.62 12.94 8.30
CA GLU B 238 -33.42 13.94 9.35
C GLU B 238 -32.31 13.54 10.32
N GLN B 239 -32.11 12.24 10.53
CA GLN B 239 -31.11 11.75 11.48
C GLN B 239 -29.78 11.42 10.83
N CYS B 240 -29.67 11.47 9.51
CA CYS B 240 -28.45 11.08 8.81
C CYS B 240 -28.14 12.10 7.73
N GLN B 241 -26.92 12.65 7.77
CA GLN B 241 -26.47 13.66 6.81
C GLN B 241 -25.00 13.43 6.45
N ALA B 242 -24.67 13.64 5.18
CA ALA B 242 -23.30 13.55 4.70
C ALA B 242 -22.95 14.74 3.81
N MET C 1 11.66 -13.85 10.50
CA MET C 1 12.57 -12.71 10.53
C MET C 1 12.50 -11.94 9.22
N GLY C 2 12.45 -10.62 9.31
CA GLY C 2 12.39 -9.76 8.14
C GLY C 2 10.98 -9.34 7.78
N SER C 3 10.35 -8.59 8.67
CA SER C 3 9.00 -8.11 8.43
C SER C 3 9.03 -6.84 7.58
N SER C 4 8.04 -6.70 6.71
CA SER C 4 7.86 -5.51 5.90
C SER C 4 6.57 -4.82 6.34
N HIS C 5 6.65 -3.51 6.56
N HIS C 5 6.64 -3.52 6.54
CA HIS C 5 5.50 -2.71 6.93
CA HIS C 5 5.48 -2.74 6.93
C HIS C 5 5.24 -1.68 5.85
C HIS C 5 5.24 -1.67 5.88
N HIS C 6 3.98 -1.52 5.47
CA HIS C 6 3.58 -0.54 4.47
C HIS C 6 2.58 0.39 5.13
N HIS C 7 2.87 1.68 5.12
N HIS C 7 2.86 1.69 5.09
CA HIS C 7 2.02 2.68 5.73
CA HIS C 7 2.03 2.69 5.74
C HIS C 7 1.49 3.62 4.67
C HIS C 7 1.50 3.66 4.69
N HIS C 8 0.21 3.98 4.81
CA HIS C 8 -0.48 4.86 3.88
C HIS C 8 -1.17 5.92 4.73
N HIS C 9 -0.75 7.17 4.60
CA HIS C 9 -1.27 8.24 5.44
C HIS C 9 -2.19 9.15 4.63
N HIS C 10 -3.33 9.48 5.23
CA HIS C 10 -4.26 10.49 4.74
C HIS C 10 -4.89 10.07 3.42
N SER C 11 -5.92 10.79 3.00
CA SER C 11 -6.57 10.57 1.71
C SER C 11 -7.68 11.59 1.49
CA CA D . 0.76 16.42 -12.94
C1 GOL E . -3.53 18.15 -12.27
O1 GOL E . -3.13 19.47 -12.47
C2 GOL E . -2.32 17.38 -11.71
O2 GOL E . -1.12 18.00 -12.00
C3 GOL E . -2.42 15.98 -12.35
O3 GOL E . -2.43 16.17 -13.73
C1 GOL F . 27.74 3.14 -13.71
O1 GOL F . 26.46 2.61 -13.88
C2 GOL F . 27.77 3.77 -12.31
O2 GOL F . 26.53 4.28 -11.97
C3 GOL F . 28.84 4.88 -12.37
O3 GOL F . 30.02 4.35 -11.83
C1 GOL G . 11.20 19.64 -3.41
O1 GOL G . 12.17 20.41 -2.76
C2 GOL G . 11.16 18.26 -2.70
O2 GOL G . 11.82 18.28 -1.48
C3 GOL G . 9.66 17.95 -2.56
O3 GOL G . 9.05 19.13 -2.11
C1 GOL H . 25.70 -3.47 -11.89
O1 GOL H . 25.78 -2.97 -10.60
C2 GOL H . 26.36 -2.44 -12.82
O2 GOL H . 27.74 -2.47 -12.70
C3 GOL H . 25.89 -2.81 -14.24
O3 GOL H . 26.19 -1.73 -15.05
O22 P33 I . 16.22 -6.80 -18.18
C21 P33 I . 16.35 -8.13 -18.61
C20 P33 I . 16.02 -9.08 -17.46
O19 P33 I . 15.60 -10.31 -17.98
C18 P33 I . 15.17 -11.23 -17.02
C17 P33 I . 13.94 -11.98 -17.55
O16 P33 I . 13.55 -11.41 -18.77
C15 P33 I . 12.16 -11.23 -18.88
C14 P33 I . 11.86 -9.91 -19.59
O13 P33 I . 11.32 -9.00 -18.67
C12 P33 I . 11.01 -7.75 -19.21
C11 P33 I . 12.23 -6.83 -19.13
O10 P33 I . 12.11 -5.82 -20.09
C9 P33 I . 13.33 -5.23 -20.44
C8 P33 I . 13.21 -4.62 -21.84
O7 P33 I . 14.25 -5.07 -22.65
C6 P33 I . 13.84 -5.76 -23.80
C5 P33 I . 13.79 -7.26 -23.53
O4 P33 I . 15.09 -7.79 -23.51
C3 P33 I . 15.30 -8.73 -22.50
C2 P33 I . 14.40 -9.94 -22.71
O1 P33 I . 14.56 -10.84 -21.65
O22 P33 J . 11.96 21.36 -7.45
C21 P33 J . 12.48 21.71 -6.19
C20 P33 J . 13.64 20.77 -5.85
O19 P33 J . 14.61 20.82 -6.87
C18 P33 J . 15.86 20.34 -6.46
C17 P33 J . 16.05 18.91 -6.92
O16 P33 J . 17.39 18.54 -6.78
C15 P33 J . 17.97 17.99 -7.94
C14 P33 J . 17.96 19.01 -9.08
O13 P33 J . 16.85 18.78 -9.90
C12 P33 J . 16.55 19.85 -10.75
C11 P33 J . 15.85 20.95 -9.99
O10 P33 J . 14.46 20.75 -10.02
C9 P33 J . 13.77 21.70 -10.79
C8 P33 J . 13.56 22.96 -9.95
O7 P33 J . 12.19 23.28 -9.91
C6 P33 J . 11.88 24.59 -10.30
C5 P33 J . 12.60 24.95 -11.60
O4 P33 J . 11.67 25.04 -12.64
C3 P33 J . 12.18 25.66 -13.80
C2 P33 J . 11.18 25.47 -14.95
O1 P33 J . 11.78 25.78 -16.17
MG MG K . 30.12 3.79 9.92
MG MG L . 30.31 11.73 -0.58
CA CA M . -4.52 -19.66 4.31
C1 GOL N . -1.39 -21.03 4.05
O1 GOL N . -2.24 -20.41 4.97
C2 GOL N . -1.20 -20.05 2.88
O2 GOL N . -2.37 -19.88 2.15
C3 GOL N . -0.07 -20.66 2.03
O3 GOL N . 0.85 -21.20 2.92
C1 GOL O . 0.78 -6.46 -0.86
C1 GOL O . 0.95 -6.80 -1.80
O1 GOL O . 0.17 -7.70 -1.00
O1 GOL O . 0.11 -7.28 -0.80
C2 GOL O . 1.10 -5.94 -2.29
C2 GOL O . 0.82 -5.26 -1.80
O2 GOL O . 0.14 -5.03 -2.73
O2 GOL O . -0.30 -4.83 -2.50
C3 GOL O . 2.50 -5.30 -2.18
C3 GOL O . 2.13 -4.75 -2.43
O3 GOL O . 2.31 -3.99 -1.77
O3 GOL O . 3.17 -5.50 -1.86
C1 GOL P . -4.71 3.59 -2.30
O1 GOL P . -4.13 2.43 -1.79
C2 GOL P . -4.36 3.64 -3.81
O2 GOL P . -3.42 2.68 -4.16
C3 GOL P . -3.84 5.09 -4.03
O3 GOL P . -2.89 5.04 -5.06
C1 GOL Q . -14.29 -15.33 17.51
O1 GOL Q . -15.03 -16.23 16.76
C2 GOL Q . -12.81 -15.59 17.15
O2 GOL Q . -12.49 -16.95 17.24
C3 GOL Q . -12.00 -14.72 18.13
O3 GOL Q . -12.33 -13.39 17.85
C1 GOL R . -7.10 6.35 -2.92
O1 GOL R . -7.31 7.72 -2.89
C2 GOL R . -7.91 5.73 -1.76
O2 GOL R . -9.17 6.30 -1.64
C3 GOL R . -7.04 5.95 -0.50
O3 GOL R . -7.82 5.59 0.61
O22 P33 S . -26.86 -1.75 -8.81
C21 P33 S . -27.61 -2.93 -8.85
C20 P33 S . -27.50 -3.66 -7.51
O19 P33 S . -26.60 -4.72 -7.62
C18 P33 S . -26.78 -5.72 -6.66
C17 P33 S . -25.43 -6.12 -6.06
O16 P33 S . -24.69 -4.97 -5.75
C15 P33 S . -23.32 -5.09 -5.98
C14 P33 S . -22.72 -3.69 -6.20
O13 P33 S . -22.14 -3.62 -7.46
C12 P33 S . -21.84 -2.33 -7.89
C11 P33 S . -22.99 -1.78 -8.74
O10 P33 S . -22.97 -0.39 -8.72
C9 P33 S . -24.23 0.19 -8.88
C8 P33 S . -24.17 1.69 -8.57
O7 P33 S . -24.24 1.90 -7.18
C6 P33 S . -25.37 1.37 -6.56
C5 P33 S . -24.96 0.64 -5.28
O4 P33 S . -26.10 0.39 -4.49
C3 P33 S . -26.45 -0.96 -4.41
C2 P33 S . -25.35 -1.74 -3.70
O1 P33 S . -25.53 -3.11 -3.88
MG MG T . -21.00 9.11 -3.81
MG MG U . -15.57 11.02 -7.58
O1 PG4 V . -28.33 -3.86 10.43
C1 PG4 V . -27.69 -2.96 11.29
C2 PG4 V . -27.22 -3.70 12.55
O2 PG4 V . -28.27 -3.76 13.48
C3 PG4 V . -28.15 -2.82 14.51
C4 PG4 V . -28.86 -3.32 15.77
O3 PG4 V . -30.25 -3.16 15.64
C5 PG4 V . -30.90 -2.83 16.82
C6 PG4 V . -32.36 -3.29 16.78
O4 PG4 V . -32.84 -3.24 15.47
C7 PG4 V . -33.51 -2.05 15.14
C8 PG4 V . -34.32 -2.26 13.88
O5 PG4 V . -33.55 -2.96 12.92
#